data_4ICV
#
_entry.id   4ICV
#
_cell.length_a   42.270
_cell.length_b   65.830
_cell.length_c   73.570
_cell.angle_alpha   90.00
_cell.angle_beta   90.00
_cell.angle_gamma   90.00
#
_symmetry.space_group_name_H-M   'I 2 2 2'
#
loop_
_entity.id
_entity.type
_entity.pdbx_description
1 polymer 'Tubulin-specific chaperone E'
2 non-polymer 'PRASEODYMIUM ION'
3 water water
#
_entity_poly.entity_id   1
_entity_poly.type   'polypeptide(L)'
_entity_poly.pdbx_seq_one_letter_code
;NQLLTLKIKYPHQLDQKVLEKQLPGSMTIQKVKGLLSRLLKVPVSDLLLSYESPKKPGREIELENDLKSLQFYSVENGDC
LLVRW
;
_entity_poly.pdbx_strand_id   A
#
# COMPACT_ATOMS: atom_id res chain seq x y z
N GLN A 2 -14.47 -7.98 -1.66
CA GLN A 2 -14.50 -6.49 -1.66
CA GLN A 2 -14.50 -6.48 -1.65
C GLN A 2 -13.26 -5.92 -2.34
N LEU A 3 -13.50 -4.96 -3.25
CA LEU A 3 -12.45 -4.20 -3.95
C LEU A 3 -12.19 -2.86 -3.27
N LEU A 4 -10.92 -2.60 -3.01
CA LEU A 4 -10.46 -1.37 -2.38
C LEU A 4 -9.81 -0.47 -3.43
N THR A 5 -10.26 0.78 -3.52
CA THR A 5 -9.60 1.78 -4.36
C THR A 5 -8.64 2.56 -3.48
N LEU A 6 -7.34 2.41 -3.74
CA LEU A 6 -6.29 2.94 -2.87
C LEU A 6 -5.39 3.90 -3.60
N LYS A 7 -5.01 4.98 -2.93
CA LYS A 7 -3.95 5.82 -3.44
C LYS A 7 -2.62 5.10 -3.23
N ILE A 8 -1.68 5.35 -4.14
CA ILE A 8 -0.34 4.74 -4.06
C ILE A 8 0.66 5.88 -4.12
N LYS A 9 1.45 6.03 -3.04
CA LYS A 9 2.39 7.13 -2.94
C LYS A 9 3.82 6.69 -2.77
N TYR A 10 4.70 7.26 -3.60
CA TYR A 10 6.14 7.05 -3.49
C TYR A 10 6.75 8.28 -2.78
N PRO A 11 7.90 8.13 -2.08
CA PRO A 11 8.39 9.24 -1.24
C PRO A 11 8.62 10.56 -1.97
N HIS A 12 9.21 10.51 -3.17
CA HIS A 12 9.54 11.74 -3.89
C HIS A 12 8.35 12.43 -4.57
N GLN A 13 7.20 11.77 -4.58
CA GLN A 13 6.00 12.32 -5.19
C GLN A 13 5.36 13.39 -4.35
N LEU A 14 4.84 14.43 -5.00
CA LEU A 14 3.90 15.37 -4.38
C LEU A 14 2.60 14.66 -4.07
N ASP A 15 1.92 15.06 -2.98
CA ASP A 15 0.57 14.53 -2.68
C ASP A 15 -0.36 14.62 -3.89
N GLN A 16 -0.24 15.72 -4.66
CA GLN A 16 -1.11 15.99 -5.81
C GLN A 16 -0.93 15.01 -6.97
N LYS A 17 0.18 14.27 -6.98
CA LYS A 17 0.52 13.39 -8.10
C LYS A 17 0.47 11.87 -7.78
N VAL A 18 -0.17 11.51 -6.68
CA VAL A 18 -0.30 10.12 -6.26
CA VAL A 18 -0.27 10.10 -6.30
C VAL A 18 -1.07 9.28 -7.31
N LEU A 19 -0.70 8.01 -7.46
CA LEU A 19 -1.43 7.11 -8.37
C LEU A 19 -2.59 6.44 -7.61
N GLU A 20 -3.46 5.72 -8.30
CA GLU A 20 -4.43 4.84 -7.62
C GLU A 20 -4.43 3.45 -8.23
N LYS A 21 -4.86 2.46 -7.44
CA LYS A 21 -5.10 1.11 -7.92
C LYS A 21 -6.32 0.55 -7.23
N GLN A 22 -7.06 -0.30 -7.93
CA GLN A 22 -8.13 -1.07 -7.31
CA GLN A 22 -8.15 -1.08 -7.32
C GLN A 22 -7.63 -2.49 -7.04
N LEU A 23 -7.68 -2.90 -5.77
CA LEU A 23 -7.16 -4.21 -5.34
C LEU A 23 -8.15 -4.93 -4.45
N PRO A 24 -8.23 -6.27 -4.56
CA PRO A 24 -9.08 -6.99 -3.60
C PRO A 24 -8.50 -6.92 -2.19
N GLY A 25 -9.37 -6.75 -1.21
CA GLY A 25 -8.93 -6.73 0.18
C GLY A 25 -8.26 -8.03 0.64
N SER A 26 -8.62 -9.13 -0.01
CA SER A 26 -8.06 -10.45 0.32
C SER A 26 -6.63 -10.65 -0.19
N MET A 27 -6.13 -9.71 -1.01
CA MET A 27 -4.79 -9.85 -1.56
C MET A 27 -3.74 -9.83 -0.44
N THR A 28 -2.83 -10.79 -0.49
CA THR A 28 -1.72 -10.79 0.48
C THR A 28 -0.72 -9.68 0.22
N ILE A 29 -0.04 -9.26 1.28
CA ILE A 29 1.02 -8.25 1.17
C ILE A 29 2.11 -8.75 0.20
N GLN A 30 2.43 -10.03 0.21
CA GLN A 30 3.43 -10.52 -0.74
CA GLN A 30 3.36 -10.65 -0.75
C GLN A 30 2.96 -10.36 -2.20
N LYS A 31 1.67 -10.55 -2.48
CA LYS A 31 1.16 -10.34 -3.84
C LYS A 31 1.10 -8.86 -4.23
N VAL A 32 0.78 -7.98 -3.28
CA VAL A 32 0.84 -6.53 -3.53
C VAL A 32 2.29 -6.14 -3.86
N LYS A 33 3.25 -6.65 -3.07
CA LYS A 33 4.66 -6.40 -3.39
C LYS A 33 5.06 -6.96 -4.76
N GLY A 34 4.50 -8.11 -5.13
CA GLY A 34 4.81 -8.68 -6.47
C GLY A 34 4.39 -7.73 -7.58
N LEU A 35 3.18 -7.21 -7.45
CA LEU A 35 2.62 -6.26 -8.40
C LEU A 35 3.47 -5.00 -8.48
N LEU A 36 3.82 -4.44 -7.33
CA LEU A 36 4.63 -3.24 -7.29
C LEU A 36 6.05 -3.47 -7.81
N SER A 37 6.61 -4.65 -7.54
CA SER A 37 7.93 -5.03 -8.03
C SER A 37 7.98 -5.04 -9.56
N ARG A 38 6.95 -5.61 -10.18
CA ARG A 38 6.91 -5.69 -11.64
C ARG A 38 6.67 -4.33 -12.29
N LEU A 39 5.91 -3.48 -11.61
CA LEU A 39 5.65 -2.11 -12.05
C LEU A 39 6.89 -1.24 -11.98
N LEU A 40 7.59 -1.31 -10.85
CA LEU A 40 8.70 -0.43 -10.55
C LEU A 40 10.06 -0.95 -10.99
N LYS A 41 10.15 -2.25 -11.26
CA LYS A 41 11.44 -2.92 -11.52
C LYS A 41 12.38 -2.84 -10.30
N VAL A 42 11.77 -3.00 -9.12
CA VAL A 42 12.49 -3.06 -7.85
C VAL A 42 12.23 -4.46 -7.26
N PRO A 43 13.27 -5.14 -6.75
CA PRO A 43 13.04 -6.48 -6.22
C PRO A 43 12.01 -6.51 -5.08
N VAL A 44 11.19 -7.56 -5.04
CA VAL A 44 10.22 -7.78 -3.95
C VAL A 44 10.87 -7.63 -2.57
N SER A 45 12.06 -8.23 -2.39
CA SER A 45 12.77 -8.20 -1.12
C SER A 45 13.15 -6.79 -0.65
N ASP A 46 13.13 -5.83 -1.56
CA ASP A 46 13.51 -4.45 -1.27
C ASP A 46 12.35 -3.51 -0.93
N LEU A 47 11.14 -3.94 -1.23
CA LEU A 47 9.99 -3.07 -1.01
C LEU A 47 9.53 -3.06 0.45
N LEU A 48 9.22 -1.86 0.92
CA LEU A 48 8.68 -1.65 2.27
C LEU A 48 7.36 -0.93 2.13
N LEU A 49 6.30 -1.56 2.63
CA LEU A 49 4.95 -1.02 2.47
CA LEU A 49 4.94 -1.07 2.47
C LEU A 49 4.36 -0.65 3.81
N SER A 50 3.67 0.49 3.82
CA SER A 50 2.89 0.94 4.96
CA SER A 50 2.88 0.93 4.97
C SER A 50 1.60 1.55 4.43
N TYR A 51 0.70 1.95 5.31
CA TYR A 51 -0.47 2.67 4.84
C TYR A 51 -0.92 3.72 5.83
N GLU A 52 -1.73 4.65 5.34
CA GLU A 52 -2.33 5.65 6.19
CA GLU A 52 -2.30 5.72 6.13
C GLU A 52 -3.79 5.82 5.83
N SER A 53 -4.59 6.15 6.85
CA SER A 53 -6.02 6.39 6.67
CA SER A 53 -6.03 6.37 6.70
C SER A 53 -6.38 7.84 7.02
N PRO A 54 -7.32 8.44 6.25
CA PRO A 54 -7.76 9.81 6.55
C PRO A 54 -8.46 9.89 7.90
N LYS A 55 -8.82 8.75 8.48
CA LYS A 55 -9.43 8.72 9.81
C LYS A 55 -8.42 9.09 10.91
N LYS A 56 -7.13 8.88 10.62
CA LYS A 56 -6.03 9.14 11.55
C LYS A 56 -4.87 9.79 10.79
N PRO A 57 -5.04 11.08 10.43
CA PRO A 57 -4.14 11.74 9.48
C PRO A 57 -2.68 11.71 9.92
N GLY A 58 -1.82 11.23 9.03
CA GLY A 58 -0.38 11.22 9.27
C GLY A 58 0.17 9.94 9.85
N ARG A 59 -0.66 9.14 10.50
CA ARG A 59 -0.19 7.90 11.11
CA ARG A 59 -0.20 7.90 11.11
C ARG A 59 0.06 6.83 10.05
N GLU A 60 1.29 6.30 10.02
CA GLU A 60 1.64 5.19 9.14
C GLU A 60 1.62 3.89 9.91
N ILE A 61 0.98 2.88 9.33
CA ILE A 61 0.95 1.53 9.88
C ILE A 61 1.72 0.61 8.93
N GLU A 62 2.73 -0.07 9.44
CA GLU A 62 3.54 -0.96 8.59
C GLU A 62 2.75 -2.20 8.17
N LEU A 63 2.81 -2.50 6.88
CA LEU A 63 2.25 -3.74 6.31
C LEU A 63 3.39 -4.75 6.27
N GLU A 64 3.65 -5.32 7.44
CA GLU A 64 4.90 -6.04 7.71
C GLU A 64 4.92 -7.52 7.30
N ASN A 65 3.79 -8.19 7.48
CA ASN A 65 3.74 -9.64 7.38
C ASN A 65 3.26 -10.01 5.98
N ASP A 66 4.18 -10.51 5.18
CA ASP A 66 3.90 -10.83 3.77
C ASP A 66 2.77 -11.86 3.58
N LEU A 67 2.50 -12.70 4.58
CA LEU A 67 1.48 -13.75 4.52
C LEU A 67 0.06 -13.26 4.76
N LYS A 68 -0.06 -12.06 5.31
CA LYS A 68 -1.37 -11.52 5.69
C LYS A 68 -1.92 -10.62 4.60
N SER A 69 -3.23 -10.37 4.65
CA SER A 69 -3.91 -9.62 3.60
C SER A 69 -4.04 -8.13 3.92
N LEU A 70 -4.42 -7.34 2.92
CA LEU A 70 -4.77 -5.95 3.18
C LEU A 70 -5.89 -5.86 4.25
N GLN A 71 -6.91 -6.73 4.12
CA GLN A 71 -8.04 -6.78 5.07
CA GLN A 71 -8.03 -6.75 5.07
C GLN A 71 -7.57 -7.07 6.51
N PHE A 72 -6.56 -7.95 6.65
CA PHE A 72 -6.01 -8.26 7.98
C PHE A 72 -5.56 -7.01 8.71
N TYR A 73 -5.01 -6.05 7.96
CA TYR A 73 -4.50 -4.80 8.50
C TYR A 73 -5.57 -3.70 8.52
N SER A 74 -6.80 -4.04 8.14
CA SER A 74 -7.92 -3.08 8.06
C SER A 74 -7.67 -1.89 7.12
N VAL A 75 -6.95 -2.14 6.01
CA VAL A 75 -6.86 -1.17 4.94
C VAL A 75 -8.27 -1.03 4.33
N GLU A 76 -8.72 0.21 4.12
CA GLU A 76 -10.09 0.49 3.67
C GLU A 76 -10.10 1.30 2.37
N ASN A 77 -11.24 1.30 1.72
CA ASN A 77 -11.41 2.09 0.50
C ASN A 77 -11.02 3.56 0.77
N GLY A 78 -10.21 4.12 -0.13
CA GLY A 78 -9.79 5.52 0.02
C GLY A 78 -8.49 5.71 0.80
N ASP A 79 -7.97 4.65 1.42
CA ASP A 79 -6.69 4.78 2.14
C ASP A 79 -5.52 4.93 1.16
N CYS A 80 -4.36 5.23 1.71
CA CYS A 80 -3.15 5.42 0.91
C CYS A 80 -2.07 4.42 1.26
N LEU A 81 -1.60 3.67 0.27
CA LEU A 81 -0.43 2.80 0.43
C LEU A 81 0.83 3.63 0.21
N LEU A 82 1.77 3.52 1.12
CA LEU A 82 3.04 4.24 1.05
C LEU A 82 4.09 3.20 0.71
N VAL A 83 4.78 3.41 -0.40
CA VAL A 83 5.75 2.45 -0.96
CA VAL A 83 5.76 2.43 -0.87
C VAL A 83 7.16 3.01 -0.91
N ARG A 84 8.07 2.31 -0.24
CA ARG A 84 9.48 2.73 -0.11
CA ARG A 84 9.47 2.72 -0.15
CA ARG A 84 9.47 2.70 -0.11
C ARG A 84 10.40 1.58 -0.56
N TRP A 85 11.60 1.95 -0.97
CA TRP A 85 12.66 0.97 -1.28
C TRP A 85 14.01 1.68 -1.18
#